data_3NYX
#
_entry.id   3NYX
#
_cell.length_a   55.318
_cell.length_b   70.436
_cell.length_c   86.488
_cell.angle_alpha   90.00
_cell.angle_beta   90.00
_cell.angle_gamma   90.00
#
_symmetry.space_group_name_H-M   'P 21 21 21'
#
loop_
_entity.id
_entity.type
_entity.pdbx_description
1 polymer 'Non-receptor tyrosine-protein kinase TYK2'
2 non-polymer N-{5-[(7-chloroquinolin-4-yl)sulfanyl]-1,3,4-thiadiazol-2-yl}thiophene-2-carboxamide
3 non-polymer 2,3-DIHYDROXY-1,4-DITHIOBUTANE
4 water water
#
_entity_poly.entity_id   1
_entity_poly.type   'polypeptide(L)'
_entity_poly.pdbx_seq_one_letter_code
;MGSPASDPTVFHKRYLKKIRDLGEGHFGKVSLYCYDPTNDGTGEMVAVKALKADCGPQHRSGWKQEIDILRTLYHEHIIK
YKGCCEDQGEKSLQLVMEYVPLGSLRDYLPRHSIGLAQLLLFAQQICEGMAYLHSQHYIHRNLAARNVLLDNDRLVKIGD
FGLAKAVPEGHEYYRVREDGDSPVFWYAPECLKEYKFYYASDVWSFGVTLYELLTHCDSSQSPPTKFLELIGIAQGQMTV
LRLTELLERGERLPRPDKCPCEVYHLMKNCWETEASFRPTFENLIPILKTVHEKYRHHHHHH
;
_entity_poly.pdbx_strand_id   A
#
# COMPACT_ATOMS: atom_id res chain seq x y z
N PRO A 8 6.27 20.93 15.26
CA PRO A 8 5.95 22.35 15.13
C PRO A 8 6.17 22.89 13.71
N THR A 9 7.07 22.26 12.96
CA THR A 9 7.44 22.70 11.61
C THR A 9 6.23 22.89 10.70
N VAL A 10 6.02 24.14 10.29
CA VAL A 10 5.03 24.50 9.26
C VAL A 10 5.83 24.88 8.01
N PHE A 11 5.35 24.45 6.83
CA PHE A 11 6.14 24.57 5.61
C PHE A 11 5.66 25.68 4.67
N HIS A 12 6.57 26.62 4.38
CA HIS A 12 6.25 27.75 3.51
C HIS A 12 6.75 27.57 2.08
N LYS A 13 5.83 27.69 1.13
CA LYS A 13 6.09 27.60 -0.32
C LYS A 13 7.29 28.44 -0.78
N ARG A 14 7.69 29.43 0.02
CA ARG A 14 8.80 30.33 -0.30
C ARG A 14 10.18 29.81 0.12
N TYR A 15 10.20 28.62 0.72
CA TYR A 15 11.48 27.98 1.10
C TYR A 15 11.63 26.57 0.50
N LEU A 16 10.83 26.27 -0.52
CA LEU A 16 10.86 24.98 -1.20
C LEU A 16 11.36 25.13 -2.62
N LYS A 17 12.56 24.63 -2.89
CA LYS A 17 13.09 24.63 -4.25
C LYS A 17 12.96 23.26 -4.90
N LYS A 18 12.24 23.21 -6.01
CA LYS A 18 11.99 21.95 -6.73
C LYS A 18 13.24 21.40 -7.41
N ILE A 19 13.59 20.17 -7.04
CA ILE A 19 14.71 19.44 -7.62
C ILE A 19 14.32 18.63 -8.86
N ARG A 20 13.29 17.80 -8.72
CA ARG A 20 13.08 16.65 -9.61
C ARG A 20 11.69 16.05 -9.36
N ASP A 21 11.09 15.44 -10.38
CA ASP A 21 9.85 14.69 -10.17
C ASP A 21 10.19 13.33 -9.59
N LEU A 22 9.23 12.76 -8.87
CA LEU A 22 9.39 11.46 -8.25
C LEU A 22 8.29 10.49 -8.65
N GLY A 23 8.67 9.21 -8.71
CA GLY A 23 7.74 8.11 -8.93
C GLY A 23 7.28 7.90 -10.36
N GLU A 24 8.03 8.44 -11.32
CA GLU A 24 7.58 8.52 -12.70
C GLU A 24 6.23 9.23 -12.71
N GLY A 25 5.15 8.49 -12.85
CA GLY A 25 3.81 9.08 -12.71
C GLY A 25 2.91 8.29 -11.76
N HIS A 26 3.46 7.22 -11.21
CA HIS A 26 2.68 6.23 -10.50
C HIS A 26 2.07 6.66 -9.17
N PHE A 27 2.47 7.83 -8.67
CA PHE A 27 1.87 8.42 -7.45
C PHE A 27 1.23 9.79 -7.75
N GLY A 28 0.97 10.04 -9.02
CA GLY A 28 0.46 11.33 -9.44
C GLY A 28 1.61 12.32 -9.39
N LYS A 29 1.30 13.56 -9.00
CA LYS A 29 2.30 14.61 -9.05
C LYS A 29 3.01 14.76 -7.70
N VAL A 30 4.12 14.03 -7.58
CA VAL A 30 5.00 14.03 -6.40
C VAL A 30 6.36 14.48 -6.87
N SER A 31 6.97 15.39 -6.12
CA SER A 31 8.25 15.97 -6.49
C SER A 31 9.20 16.03 -5.31
N LEU A 32 10.49 15.94 -5.61
CA LEU A 32 11.53 16.10 -4.63
C LEU A 32 11.81 17.58 -4.50
N TYR A 33 11.77 18.03 -3.25
CA TYR A 33 12.10 19.40 -2.94
C TYR A 33 13.23 19.44 -1.93
N CYS A 34 13.97 20.55 -1.94
CA CYS A 34 14.81 20.94 -0.82
C CYS A 34 14.08 21.99 0.01
N TYR A 35 14.01 21.79 1.33
CA TYR A 35 13.49 22.80 2.24
C TYR A 35 14.65 23.53 2.94
N ASP A 36 15.02 24.69 2.39
CA ASP A 36 16.10 25.52 2.96
C ASP A 36 15.57 26.88 3.39
N PRO A 37 15.10 27.01 4.65
CA PRO A 37 14.56 28.28 5.11
C PRO A 37 15.66 29.27 5.49
N THR A 38 16.55 28.88 6.40
CA THR A 38 17.64 29.76 6.85
C THR A 38 18.76 29.91 5.83
N ASN A 39 18.66 29.14 4.74
CA ASN A 39 19.57 29.20 3.57
C ASN A 39 20.93 28.50 3.74
N ASP A 40 21.14 27.86 4.89
CA ASP A 40 22.38 27.09 5.13
C ASP A 40 22.35 25.73 4.42
N GLY A 43 19.96 21.97 4.78
CA GLY A 43 18.57 21.80 4.33
C GLY A 43 18.16 20.34 4.20
N GLU A 44 16.91 20.06 4.60
CA GLU A 44 16.35 18.70 4.54
C GLU A 44 15.66 18.39 3.21
N MET A 45 15.65 17.11 2.84
CA MET A 45 15.00 16.64 1.62
C MET A 45 13.63 16.05 1.93
N VAL A 46 12.64 16.44 1.14
CA VAL A 46 11.26 16.02 1.35
C VAL A 46 10.50 15.77 0.05
N ALA A 47 9.46 14.95 0.12
CA ALA A 47 8.63 14.73 -1.03
C ALA A 47 7.33 15.48 -0.84
N VAL A 48 6.82 16.07 -1.92
CA VAL A 48 5.62 16.89 -1.84
C VAL A 48 4.61 16.39 -2.84
N LYS A 49 3.41 16.08 -2.33
CA LYS A 49 2.28 15.72 -3.16
C LYS A 49 1.32 16.90 -3.31
N ALA A 50 1.09 17.27 -4.57
CA ALA A 50 0.14 18.30 -4.94
C ALA A 50 -1.22 17.64 -5.19
N LEU A 51 -2.24 18.11 -4.47
CA LEU A 51 -3.54 17.47 -4.42
C LEU A 51 -4.60 18.47 -4.83
N LYS A 52 -5.25 18.18 -5.96
CA LYS A 52 -6.35 19.03 -6.43
C LYS A 52 -7.49 18.93 -5.43
N ALA A 53 -8.02 20.07 -5.01
CA ALA A 53 -9.03 20.09 -3.95
C ALA A 53 -10.08 21.19 -4.14
N ASP A 54 -10.48 21.43 -5.38
CA ASP A 54 -11.53 22.37 -5.68
C ASP A 54 -12.87 21.74 -5.34
N CYS A 55 -13.23 21.76 -4.06
CA CYS A 55 -14.49 21.16 -3.60
C CYS A 55 -15.31 22.02 -2.66
N GLY A 56 -15.02 23.33 -2.65
CA GLY A 56 -15.57 24.23 -1.66
C GLY A 56 -14.64 24.35 -0.48
N PRO A 57 -14.45 25.59 0.03
CA PRO A 57 -13.39 25.89 1.00
C PRO A 57 -13.45 25.03 2.25
N GLN A 58 -14.67 24.75 2.71
CA GLN A 58 -14.84 23.99 3.93
C GLN A 58 -14.63 22.51 3.72
N HIS A 59 -15.06 21.98 2.58
CA HIS A 59 -14.72 20.58 2.28
C HIS A 59 -13.19 20.41 2.23
N ARG A 60 -12.50 21.37 1.60
CA ARG A 60 -11.04 21.38 1.51
C ARG A 60 -10.38 21.37 2.90
N SER A 61 -10.85 22.20 3.82
CA SER A 61 -10.37 22.19 5.21
C SER A 61 -10.60 20.86 5.90
N GLY A 62 -11.79 20.31 5.71
CA GLY A 62 -12.15 19.01 6.29
C GLY A 62 -11.21 17.89 5.87
N TRP A 63 -10.68 18.00 4.66
CA TRP A 63 -9.74 17.03 4.10
C TRP A 63 -8.34 17.20 4.69
N LYS A 64 -7.95 18.47 4.89
CA LYS A 64 -6.74 18.82 5.57
C LYS A 64 -6.78 18.28 7.00
N GLN A 65 -7.84 18.57 7.75
CA GLN A 65 -7.95 18.03 9.11
C GLN A 65 -7.70 16.52 9.11
N GLU A 66 -8.34 15.81 8.17
CA GLU A 66 -8.30 14.36 8.06
C GLU A 66 -6.89 13.87 7.75
N ILE A 67 -6.30 14.42 6.70
CA ILE A 67 -4.91 14.17 6.36
C ILE A 67 -3.99 14.44 7.56
N ASP A 68 -4.12 15.62 8.16
CA ASP A 68 -3.29 16.01 9.31
C ASP A 68 -3.24 14.96 10.40
N ILE A 69 -4.33 14.25 10.64
CA ILE A 69 -4.40 13.24 11.72
C ILE A 69 -3.37 12.12 11.48
N LEU A 70 -3.07 11.86 10.20
CA LEU A 70 -2.08 10.84 9.81
C LEU A 70 -0.70 11.11 10.39
N ARG A 71 -0.41 12.38 10.64
CA ARG A 71 0.85 12.81 11.28
C ARG A 71 1.01 12.25 12.70
N THR A 72 -0.10 11.90 13.35
CA THR A 72 -0.05 11.33 14.71
C THR A 72 0.29 9.84 14.70
N LEU A 73 0.62 9.31 13.52
CA LEU A 73 1.09 7.94 13.41
C LEU A 73 2.60 7.94 13.37
N TYR A 74 3.20 7.02 14.10
CA TYR A 74 4.62 6.77 13.98
C TYR A 74 4.91 5.27 13.95
N HIS A 75 5.64 4.86 12.91
CA HIS A 75 6.20 3.52 12.84
C HIS A 75 7.20 3.46 11.73
N GLU A 76 8.33 2.80 12.00
CA GLU A 76 9.47 2.91 11.10
C GLU A 76 9.23 2.24 9.75
N HIS A 77 8.16 1.44 9.66
CA HIS A 77 7.75 0.83 8.39
C HIS A 77 6.47 1.43 7.81
N ILE A 78 6.19 2.66 8.22
CA ILE A 78 5.10 3.45 7.67
C ILE A 78 5.72 4.80 7.34
N ILE A 79 5.50 5.31 6.13
CA ILE A 79 6.01 6.61 5.71
C ILE A 79 5.57 7.72 6.70
N LYS A 80 6.44 8.69 6.96
CA LYS A 80 6.14 9.82 7.85
C LYS A 80 5.59 11.01 7.09
N TYR A 81 4.30 11.29 7.30
CA TYR A 81 3.65 12.47 6.75
C TYR A 81 3.97 13.63 7.66
N LYS A 82 4.50 14.69 7.07
CA LYS A 82 5.14 15.77 7.82
C LYS A 82 4.24 16.99 7.99
N GLY A 83 3.37 17.23 7.02
CA GLY A 83 2.48 18.38 7.10
C GLY A 83 1.66 18.61 5.86
N CYS A 84 0.55 19.31 6.03
CA CYS A 84 -0.39 19.54 4.95
C CYS A 84 -0.73 21.03 4.88
N CYS A 85 -0.19 21.71 3.88
CA CYS A 85 -0.53 23.14 3.66
C CYS A 85 -1.46 23.35 2.45
N GLU A 86 -2.24 24.42 2.52
CA GLU A 86 -3.18 24.80 1.48
C GLU A 86 -2.58 25.85 0.54
N ASP A 87 -2.86 25.72 -0.75
CA ASP A 87 -2.57 26.78 -1.73
C ASP A 87 -3.90 27.31 -2.25
N GLN A 88 -4.38 28.40 -1.65
CA GLN A 88 -5.75 28.85 -1.83
C GLN A 88 -5.95 29.57 -3.15
N GLU A 90 -5.91 28.72 -7.78
CA GLU A 90 -5.15 27.61 -7.21
C GLU A 90 -5.86 27.01 -5.99
N LYS A 91 -6.59 25.92 -6.19
CA LYS A 91 -7.46 25.39 -5.13
C LYS A 91 -6.99 23.99 -4.70
N SER A 92 -5.77 23.93 -4.20
CA SER A 92 -5.07 22.67 -3.99
C SER A 92 -4.42 22.56 -2.61
N LEU A 93 -4.10 21.33 -2.21
CA LEU A 93 -3.44 21.06 -0.94
C LEU A 93 -2.02 20.54 -1.18
N GLN A 94 -1.04 21.06 -0.43
CA GLN A 94 0.33 20.55 -0.57
C GLN A 94 0.69 19.67 0.61
N LEU A 95 0.97 18.40 0.33
CA LEU A 95 1.27 17.40 1.35
C LEU A 95 2.75 17.06 1.32
N VAL A 96 3.38 17.25 2.47
CA VAL A 96 4.81 17.09 2.66
C VAL A 96 5.06 15.82 3.48
N MET A 97 6.00 15.00 2.99
CA MET A 97 6.35 13.73 3.61
C MET A 97 7.85 13.45 3.56
N GLU A 98 8.30 12.41 4.25
CA GLU A 98 9.72 12.04 4.16
C GLU A 98 10.05 11.55 2.76
N TYR A 99 11.30 11.71 2.37
CA TYR A 99 11.77 11.24 1.08
C TYR A 99 12.32 9.84 1.28
N VAL A 100 11.77 8.88 0.54
N VAL A 100 11.77 8.88 0.54
CA VAL A 100 12.21 7.48 0.64
CA VAL A 100 12.21 7.48 0.64
C VAL A 100 12.94 7.09 -0.66
C VAL A 100 12.94 7.09 -0.66
N PRO A 101 14.28 7.22 -0.67
CA PRO A 101 15.13 7.33 -1.89
C PRO A 101 15.17 6.18 -2.92
N LEU A 102 15.10 4.92 -2.49
CA LEU A 102 15.12 3.82 -3.47
C LEU A 102 13.75 3.61 -4.13
N GLY A 103 12.70 4.14 -3.50
CA GLY A 103 11.36 4.15 -4.09
C GLY A 103 10.61 2.83 -4.01
N SER A 104 9.74 2.59 -4.99
CA SER A 104 8.75 1.53 -4.99
C SER A 104 9.35 0.15 -5.25
N LEU A 105 8.82 -0.86 -4.57
CA LEU A 105 9.25 -2.23 -4.80
C LEU A 105 8.87 -2.71 -6.20
N ARG A 106 7.82 -2.13 -6.75
CA ARG A 106 7.37 -2.45 -8.10
C ARG A 106 8.42 -2.00 -9.13
N ASP A 107 9.08 -0.87 -8.90
CA ASP A 107 10.19 -0.42 -9.76
C ASP A 107 11.54 -0.99 -9.35
N TYR A 108 11.71 -1.30 -8.07
CA TYR A 108 12.99 -1.73 -7.57
C TYR A 108 13.23 -3.23 -7.81
N LEU A 109 12.25 -4.07 -7.47
CA LEU A 109 12.45 -5.52 -7.55
C LEU A 109 12.88 -6.11 -8.92
N PRO A 110 12.31 -5.62 -10.04
CA PRO A 110 12.82 -6.02 -11.37
C PRO A 110 14.32 -5.79 -11.68
N ARG A 111 14.90 -4.69 -11.20
CA ARG A 111 16.29 -4.31 -11.54
C ARG A 111 17.36 -4.64 -10.46
N HIS A 112 17.04 -5.50 -9.49
CA HIS A 112 18.03 -5.86 -8.46
C HIS A 112 17.94 -7.32 -8.07
N SER A 113 19.10 -7.89 -7.72
CA SER A 113 19.17 -9.27 -7.28
C SER A 113 18.78 -9.29 -5.82
N ILE A 114 17.67 -9.95 -5.51
CA ILE A 114 17.15 -10.04 -4.15
C ILE A 114 16.70 -11.48 -3.86
N GLY A 115 17.41 -12.15 -2.94
CA GLY A 115 17.10 -13.54 -2.61
C GLY A 115 15.80 -13.72 -1.84
N LEU A 116 15.45 -14.99 -1.60
CA LEU A 116 14.25 -15.34 -0.87
C LEU A 116 14.25 -14.83 0.58
N ALA A 117 15.38 -14.91 1.26
CA ALA A 117 15.43 -14.44 2.65
C ALA A 117 15.11 -12.93 2.70
N GLN A 118 15.73 -12.15 1.84
CA GLN A 118 15.49 -10.70 1.82
C GLN A 118 14.04 -10.36 1.47
N LEU A 119 13.44 -11.07 0.51
CA LEU A 119 12.01 -10.88 0.17
C LEU A 119 11.09 -11.23 1.32
N LEU A 120 11.48 -12.20 2.15
CA LEU A 120 10.67 -12.58 3.30
C LEU A 120 10.83 -11.54 4.41
N LEU A 121 12.03 -10.98 4.51
CA LEU A 121 12.30 -9.87 5.43
C LEU A 121 11.45 -8.64 5.08
N PHE A 122 11.35 -8.30 3.79
CA PHE A 122 10.43 -7.25 3.37
C PHE A 122 9.00 -7.53 3.83
N ALA A 123 8.54 -8.76 3.62
CA ALA A 123 7.16 -9.08 3.96
C ALA A 123 6.86 -8.95 5.47
N GLN A 124 7.79 -9.39 6.30
CA GLN A 124 7.64 -9.27 7.75
C GLN A 124 7.56 -7.80 8.19
N GLN A 125 8.36 -6.93 7.54
CA GLN A 125 8.36 -5.50 7.81
C GLN A 125 7.01 -4.88 7.48
N ILE A 126 6.49 -5.21 6.29
CA ILE A 126 5.18 -4.75 5.89
C ILE A 126 4.14 -5.18 6.93
N CYS A 127 4.11 -6.47 7.28
CA CYS A 127 3.18 -6.97 8.31
C CYS A 127 3.31 -6.18 9.62
N GLU A 128 4.54 -5.86 10.01
CA GLU A 128 4.79 -5.15 11.26
C GLU A 128 4.23 -3.72 11.23
N GLY A 129 4.39 -3.04 10.10
CA GLY A 129 3.80 -1.74 9.90
C GLY A 129 2.28 -1.79 9.83
N MET A 130 1.74 -2.84 9.21
CA MET A 130 0.29 -3.00 9.11
C MET A 130 -0.34 -3.38 10.44
N ALA A 131 0.39 -4.14 11.27
CA ALA A 131 -0.12 -4.54 12.58
C ALA A 131 -0.29 -3.31 13.46
N TYR A 132 0.67 -2.39 13.36
CA TYR A 132 0.64 -1.15 14.10
C TYR A 132 -0.56 -0.34 13.67
N LEU A 133 -0.66 -0.10 12.36
CA LEU A 133 -1.79 0.59 11.77
C LEU A 133 -3.14 0.02 12.24
N HIS A 134 -3.28 -1.28 12.19
CA HIS A 134 -4.52 -1.92 12.66
C HIS A 134 -4.79 -1.66 14.15
N SER A 135 -3.72 -1.67 14.95
CA SER A 135 -3.83 -1.44 16.38
C SER A 135 -4.14 0.02 16.70
N GLN A 136 -3.82 0.93 15.76
CA GLN A 136 -4.21 2.34 15.85
C GLN A 136 -5.61 2.59 15.30
N HIS A 137 -6.31 1.49 15.00
CA HIS A 137 -7.66 1.53 14.41
C HIS A 137 -7.80 2.15 13.00
N TYR A 138 -6.83 1.87 12.13
CA TYR A 138 -6.85 2.33 10.75
C TYR A 138 -6.80 1.15 9.80
N ILE A 139 -7.47 1.30 8.66
CA ILE A 139 -7.27 0.46 7.51
C ILE A 139 -6.54 1.28 6.44
N HIS A 140 -5.76 0.59 5.60
CA HIS A 140 -4.99 1.24 4.54
C HIS A 140 -5.78 1.31 3.25
N ARG A 141 -6.34 0.18 2.83
CA ARG A 141 -7.17 0.04 1.62
C ARG A 141 -6.42 0.12 0.27
N ASN A 142 -5.10 0.26 0.31
CA ASN A 142 -4.32 0.41 -0.94
C ASN A 142 -2.97 -0.30 -0.82
N LEU A 143 -2.95 -1.42 -0.12
CA LEU A 143 -1.71 -2.17 0.05
C LEU A 143 -1.41 -2.97 -1.21
N ALA A 144 -0.32 -2.60 -1.88
CA ALA A 144 0.16 -3.26 -3.09
C ALA A 144 1.64 -2.99 -3.12
N ALA A 145 2.40 -3.75 -3.90
CA ALA A 145 3.86 -3.52 -3.97
C ALA A 145 4.21 -2.12 -4.52
N ARG A 146 3.38 -1.57 -5.41
CA ARG A 146 3.62 -0.19 -5.87
C ARG A 146 3.72 0.83 -4.73
N ASN A 147 3.00 0.55 -3.65
CA ASN A 147 2.88 1.46 -2.52
C ASN A 147 3.77 1.14 -1.32
N VAL A 148 4.71 0.22 -1.51
CA VAL A 148 5.68 -0.11 -0.47
C VAL A 148 7.02 0.42 -0.93
N LEU A 149 7.53 1.40 -0.18
CA LEU A 149 8.74 2.09 -0.55
C LEU A 149 9.94 1.53 0.25
N LEU A 150 11.14 1.77 -0.25
CA LEU A 150 12.37 1.27 0.35
C LEU A 150 13.32 2.42 0.68
N ASP A 151 13.81 2.50 1.91
CA ASP A 151 14.83 3.53 2.24
C ASP A 151 16.23 3.08 1.84
N ASN A 152 17.24 3.83 2.25
CA ASN A 152 18.63 3.50 1.86
C ASN A 152 19.22 2.24 2.47
N ASP A 153 18.79 1.88 3.68
CA ASP A 153 19.27 0.65 4.34
C ASP A 153 18.40 -0.54 3.97
N ARG A 154 17.64 -0.39 2.89
CA ARG A 154 16.63 -1.37 2.45
C ARG A 154 15.61 -1.74 3.54
N LEU A 155 15.12 -0.71 4.24
CA LEU A 155 13.98 -0.85 5.12
C LEU A 155 12.73 -0.43 4.40
N VAL A 156 11.68 -1.21 4.57
CA VAL A 156 10.37 -0.93 4.02
C VAL A 156 9.75 0.24 4.76
N LYS A 157 9.10 1.13 3.99
CA LYS A 157 8.15 2.13 4.52
C LYS A 157 6.92 2.03 3.65
N ILE A 158 5.77 1.74 4.27
CA ILE A 158 4.50 1.70 3.55
C ILE A 158 4.01 3.12 3.25
N GLY A 159 3.73 3.40 1.98
CA GLY A 159 3.19 4.71 1.59
C GLY A 159 1.80 4.70 1.00
N ASP A 160 1.48 5.79 0.30
CA ASP A 160 0.17 6.10 -0.25
C ASP A 160 -1.00 5.79 0.68
N PHE A 161 -1.21 6.66 1.65
CA PHE A 161 -2.38 6.57 2.51
C PHE A 161 -3.61 7.35 1.97
N GLY A 162 -3.62 7.65 0.68
CA GLY A 162 -4.75 8.39 0.08
C GLY A 162 -6.11 7.71 0.22
N LEU A 163 -6.12 6.42 0.52
CA LEU A 163 -7.38 5.70 0.79
C LEU A 163 -7.58 5.36 2.27
N ALA A 164 -6.59 5.62 3.12
CA ALA A 164 -6.64 5.17 4.51
C ALA A 164 -7.87 5.72 5.24
N LYS A 165 -8.33 5.01 6.25
CA LYS A 165 -9.55 5.40 6.97
C LYS A 165 -9.56 4.93 8.41
N ALA A 166 -10.04 5.78 9.30
CA ALA A 166 -10.24 5.40 10.69
C ALA A 166 -11.46 4.50 10.73
N VAL A 167 -11.34 3.36 11.40
CA VAL A 167 -12.50 2.48 11.61
C VAL A 167 -13.24 2.95 12.87
N PRO A 168 -14.56 3.24 12.73
CA PRO A 168 -15.42 3.77 13.81
C PRO A 168 -15.56 2.84 15.02
N GLU A 169 -15.50 3.42 16.21
CA GLU A 169 -15.65 2.68 17.47
C GLU A 169 -16.91 1.80 17.49
N GLY A 170 -16.72 0.54 17.88
CA GLY A 170 -17.81 -0.44 17.98
C GLY A 170 -18.14 -1.14 16.66
N HIS A 171 -17.34 -0.86 15.63
CA HIS A 171 -17.55 -1.43 14.30
C HIS A 171 -16.29 -2.19 13.85
N GLU A 172 -16.49 -3.33 13.22
CA GLU A 172 -15.35 -4.09 12.70
C GLU A 172 -15.11 -3.96 11.19
N TYR A 173 -15.83 -3.03 10.56
CA TYR A 173 -15.62 -2.67 9.17
C TYR A 173 -15.90 -1.19 8.90
N TYR A 174 -15.23 -0.64 7.89
CA TYR A 174 -15.59 0.63 7.29
C TYR A 174 -16.41 0.36 6.03
N ARG A 175 -17.53 1.07 5.85
CA ARG A 175 -18.38 0.88 4.67
C ARG A 175 -18.00 1.80 3.50
N VAL A 176 -17.38 1.23 2.48
CA VAL A 176 -17.01 2.01 1.31
C VAL A 176 -18.25 2.51 0.56
N ARG A 177 -18.29 3.81 0.36
CA ARG A 177 -19.26 4.46 -0.48
C ARG A 177 -18.61 4.58 -1.86
N GLU A 178 -19.40 4.97 -2.86
CA GLU A 178 -18.88 5.29 -4.19
C GLU A 178 -18.28 4.11 -4.92
N ASP A 179 -18.78 3.88 -6.13
CA ASP A 179 -18.20 2.90 -7.02
C ASP A 179 -17.23 3.63 -7.96
N GLY A 180 -16.00 3.87 -7.48
CA GLY A 180 -15.00 4.62 -8.24
C GLY A 180 -13.84 3.80 -8.79
N ASP A 181 -12.67 4.43 -8.89
CA ASP A 181 -11.47 3.73 -9.34
C ASP A 181 -10.96 2.87 -8.18
N SER A 182 -11.19 1.57 -8.28
CA SER A 182 -10.76 0.63 -7.26
C SER A 182 -9.63 -0.27 -7.73
N PRO A 183 -8.66 -0.56 -6.83
CA PRO A 183 -7.58 -1.51 -7.16
C PRO A 183 -8.13 -2.93 -6.95
N VAL A 184 -9.03 -3.34 -7.84
CA VAL A 184 -9.92 -4.49 -7.62
C VAL A 184 -9.16 -5.82 -7.53
N PHE A 185 -8.03 -5.90 -8.21
CA PHE A 185 -7.25 -7.13 -8.26
C PHE A 185 -6.45 -7.40 -6.98
N TRP A 186 -6.52 -6.45 -6.04
CA TRP A 186 -5.91 -6.59 -4.72
C TRP A 186 -7.00 -6.74 -3.63
N TYR A 187 -8.25 -6.92 -4.05
CA TYR A 187 -9.36 -6.79 -3.11
C TYR A 187 -10.10 -8.10 -2.80
N ALA A 188 -10.43 -8.28 -1.52
CA ALA A 188 -11.23 -9.39 -1.04
C ALA A 188 -12.68 -9.32 -1.53
N PRO A 189 -13.34 -10.46 -1.66
CA PRO A 189 -14.68 -10.45 -2.25
C PRO A 189 -15.72 -9.63 -1.44
N GLU A 190 -15.54 -9.50 -0.13
CA GLU A 190 -16.44 -8.68 0.68
C GLU A 190 -16.34 -7.19 0.33
N CYS A 191 -15.17 -6.78 -0.15
CA CYS A 191 -14.92 -5.41 -0.61
C CYS A 191 -15.57 -5.20 -1.97
N LEU A 192 -15.44 -6.21 -2.82
CA LEU A 192 -15.83 -6.11 -4.20
C LEU A 192 -17.36 -6.13 -4.37
N LYS A 193 -18.03 -6.92 -3.53
CA LYS A 193 -19.44 -7.26 -3.68
C LYS A 193 -20.28 -6.42 -2.72
N GLU A 194 -19.93 -6.49 -1.42
CA GLU A 194 -20.71 -5.88 -0.35
C GLU A 194 -20.27 -4.49 0.06
N TYR A 195 -19.10 -4.05 -0.41
CA TYR A 195 -18.55 -2.73 -0.05
C TYR A 195 -18.28 -2.57 1.46
N LYS A 196 -17.82 -3.65 2.07
CA LYS A 196 -17.40 -3.64 3.46
C LYS A 196 -15.89 -3.86 3.47
N PHE A 197 -15.17 -3.04 4.22
CA PHE A 197 -13.72 -3.19 4.37
C PHE A 197 -13.34 -3.45 5.85
N TYR A 198 -12.87 -4.65 6.12
CA TYR A 198 -12.46 -5.09 7.46
C TYR A 198 -10.94 -5.01 7.57
N TYR A 199 -10.42 -5.05 8.80
CA TYR A 199 -8.98 -5.24 8.99
C TYR A 199 -8.52 -6.46 8.17
N ALA A 200 -9.28 -7.55 8.25
CA ALA A 200 -9.04 -8.77 7.46
C ALA A 200 -8.98 -8.60 5.93
N SER A 201 -9.53 -7.49 5.43
CA SER A 201 -9.49 -7.18 3.99
C SER A 201 -8.12 -6.66 3.57
N ASP A 202 -7.47 -5.86 4.44
CA ASP A 202 -6.07 -5.48 4.26
C ASP A 202 -5.10 -6.68 4.24
N VAL A 203 -5.43 -7.74 4.96
CA VAL A 203 -4.63 -8.98 4.93
C VAL A 203 -4.77 -9.68 3.57
N TRP A 204 -5.96 -9.65 2.97
CA TRP A 204 -6.13 -10.20 1.63
C TRP A 204 -5.18 -9.47 0.71
N SER A 205 -5.19 -8.14 0.77
CA SER A 205 -4.31 -7.32 -0.03
C SER A 205 -2.85 -7.67 0.26
N PHE A 206 -2.56 -8.01 1.50
CA PHE A 206 -1.19 -8.39 1.80
C PHE A 206 -0.80 -9.65 1.01
N GLY A 207 -1.70 -10.64 1.02
CA GLY A 207 -1.49 -11.88 0.30
C GLY A 207 -1.07 -11.64 -1.13
N VAL A 208 -1.69 -10.63 -1.74
CA VAL A 208 -1.46 -10.29 -3.14
C VAL A 208 -0.08 -9.62 -3.25
N THR A 209 0.20 -8.72 -2.31
CA THR A 209 1.51 -8.05 -2.24
C THR A 209 2.64 -9.06 -2.06
N LEU A 210 2.39 -10.09 -1.24
CA LEU A 210 3.36 -11.16 -0.99
C LEU A 210 3.60 -11.91 -2.30
N TYR A 211 2.51 -12.24 -2.99
CA TYR A 211 2.57 -12.84 -4.33
C TYR A 211 3.48 -11.99 -5.23
N GLU A 212 3.23 -10.68 -5.24
CA GLU A 212 3.99 -9.73 -6.05
C GLU A 212 5.48 -9.82 -5.80
N LEU A 213 5.88 -9.75 -4.52
CA LEU A 213 7.29 -9.84 -4.17
C LEU A 213 7.98 -11.08 -4.69
N LEU A 214 7.27 -12.22 -4.61
CA LEU A 214 7.87 -13.49 -4.93
C LEU A 214 7.97 -13.75 -6.43
N THR A 215 7.19 -13.00 -7.21
CA THR A 215 7.31 -12.97 -8.66
C THR A 215 8.33 -11.91 -9.06
N HIS A 216 8.92 -11.25 -8.07
CA HIS A 216 9.84 -10.12 -8.29
C HIS A 216 9.17 -8.95 -9.01
N CYS A 217 7.86 -8.82 -8.84
CA CYS A 217 7.08 -7.78 -9.52
C CYS A 217 7.27 -7.86 -11.03
N ASP A 218 7.22 -9.08 -11.55
CA ASP A 218 7.29 -9.32 -12.97
C ASP A 218 5.91 -8.99 -13.53
N SER A 219 5.87 -8.03 -14.47
CA SER A 219 4.62 -7.55 -15.08
C SER A 219 3.76 -8.65 -15.68
N SER A 220 4.41 -9.65 -16.28
CA SER A 220 3.72 -10.70 -17.02
C SER A 220 3.03 -11.68 -16.07
N GLN A 221 3.50 -11.72 -14.82
CA GLN A 221 2.90 -12.56 -13.78
C GLN A 221 2.03 -11.71 -12.86
N SER A 222 1.88 -10.44 -13.23
CA SER A 222 1.19 -9.48 -12.38
C SER A 222 -0.25 -9.92 -12.13
N PRO A 223 -0.82 -9.52 -10.98
CA PRO A 223 -2.20 -9.91 -10.68
C PRO A 223 -3.26 -9.51 -11.72
N PRO A 224 -3.22 -8.26 -12.23
CA PRO A 224 -4.20 -7.98 -13.29
C PRO A 224 -4.00 -8.87 -14.51
N THR A 225 -2.75 -9.05 -14.94
CA THR A 225 -2.46 -9.91 -16.07
C THR A 225 -3.00 -11.30 -15.79
N LYS A 226 -2.50 -11.95 -14.75
CA LYS A 226 -2.94 -13.30 -14.37
C LYS A 226 -4.46 -13.40 -14.24
N PHE A 227 -5.06 -12.56 -13.40
CA PHE A 227 -6.52 -12.61 -13.21
C PHE A 227 -7.35 -12.51 -14.50
N LEU A 228 -6.95 -11.64 -15.42
CA LEU A 228 -7.62 -11.51 -16.72
C LEU A 228 -7.49 -12.79 -17.55
N GLU A 229 -6.34 -13.45 -17.46
CA GLU A 229 -6.13 -14.72 -18.16
C GLU A 229 -6.99 -15.84 -17.62
N LEU A 230 -7.09 -15.94 -16.29
CA LEU A 230 -7.89 -16.97 -15.62
C LEU A 230 -9.38 -16.83 -15.91
N ILE A 231 -9.81 -15.60 -16.11
CA ILE A 231 -11.17 -15.32 -16.54
C ILE A 231 -11.29 -15.66 -18.03
N GLY A 232 -10.30 -15.22 -18.81
CA GLY A 232 -10.31 -15.44 -20.25
C GLY A 232 -10.25 -14.13 -21.01
N ILE A 233 -11.25 -13.28 -20.80
CA ILE A 233 -11.39 -12.03 -21.57
C ILE A 233 -10.31 -10.99 -21.28
N ALA A 234 -10.21 -10.00 -22.17
CA ALA A 234 -9.15 -8.99 -22.15
C ALA A 234 -9.39 -7.87 -21.13
N GLN A 235 -8.38 -7.01 -20.98
CA GLN A 235 -8.33 -5.95 -19.97
C GLN A 235 -9.43 -4.89 -20.10
N GLY A 236 -10.30 -5.05 -21.10
CA GLY A 236 -11.34 -4.07 -21.42
C GLY A 236 -12.77 -4.53 -21.18
N GLN A 237 -13.01 -5.84 -21.36
CA GLN A 237 -14.35 -6.43 -21.15
C GLN A 237 -14.57 -6.82 -19.69
N MET A 238 -13.56 -6.55 -18.86
CA MET A 238 -13.48 -6.98 -17.47
C MET A 238 -14.52 -6.34 -16.54
N THR A 239 -15.14 -7.18 -15.72
CA THR A 239 -16.13 -6.73 -14.74
C THR A 239 -15.79 -7.26 -13.35
N VAL A 240 -16.14 -6.48 -12.33
CA VAL A 240 -15.99 -6.90 -10.94
C VAL A 240 -16.75 -8.21 -10.69
N LEU A 241 -17.91 -8.34 -11.34
CA LEU A 241 -18.80 -9.50 -11.18
C LEU A 241 -18.12 -10.81 -11.60
N ARG A 242 -17.42 -10.75 -12.73
N ARG A 242 -17.43 -10.79 -12.73
CA ARG A 242 -16.68 -11.86 -13.30
CA ARG A 242 -16.73 -11.97 -13.22
C ARG A 242 -15.55 -12.31 -12.37
C ARG A 242 -15.56 -12.35 -12.31
N LEU A 243 -14.91 -11.34 -11.72
CA LEU A 243 -13.81 -11.58 -10.78
C LEU A 243 -14.34 -12.22 -9.49
N THR A 244 -15.41 -11.66 -8.94
CA THR A 244 -16.05 -12.17 -7.73
C THR A 244 -16.43 -13.64 -7.87
N GLU A 245 -16.97 -14.02 -9.03
CA GLU A 245 -17.46 -15.38 -9.28
C GLU A 245 -16.32 -16.38 -9.32
N LEU A 246 -15.24 -15.99 -10.00
CA LEU A 246 -13.99 -16.73 -10.05
C LEU A 246 -13.41 -16.99 -8.65
N LEU A 247 -13.46 -15.97 -7.81
CA LEU A 247 -12.88 -16.09 -6.47
C LEU A 247 -13.72 -16.99 -5.58
N GLU A 248 -15.04 -16.92 -5.73
CA GLU A 248 -15.97 -17.75 -4.97
C GLU A 248 -15.80 -19.23 -5.36
N ARG A 249 -15.65 -19.49 -6.65
CA ARG A 249 -15.39 -20.83 -7.15
C ARG A 249 -14.07 -21.38 -6.61
N GLY A 250 -13.33 -20.52 -5.91
CA GLY A 250 -12.10 -20.91 -5.22
C GLY A 250 -10.79 -20.77 -5.99
N GLU A 251 -10.84 -20.14 -7.16
CA GLU A 251 -9.65 -19.93 -7.96
C GLU A 251 -8.74 -18.84 -7.39
N ARG A 252 -7.42 -19.01 -7.57
CA ARG A 252 -6.43 -18.17 -6.90
C ARG A 252 -5.23 -17.88 -7.82
N LEU A 253 -4.40 -16.92 -7.41
CA LEU A 253 -3.19 -16.64 -8.14
C LEU A 253 -2.25 -17.81 -7.95
N PRO A 254 -1.50 -18.20 -9.01
CA PRO A 254 -0.72 -19.44 -8.94
C PRO A 254 0.55 -19.28 -8.10
N ARG A 255 1.18 -20.40 -7.79
N ARG A 255 1.18 -20.40 -7.79
CA ARG A 255 2.48 -20.45 -7.10
CA ARG A 255 2.47 -20.42 -7.11
C ARG A 255 3.53 -19.78 -7.98
C ARG A 255 3.52 -19.76 -8.00
N PRO A 256 4.19 -18.74 -7.46
CA PRO A 256 5.28 -18.08 -8.21
C PRO A 256 6.50 -19.00 -8.35
N ASP A 257 7.29 -18.79 -9.38
CA ASP A 257 8.51 -19.58 -9.58
C ASP A 257 9.39 -19.59 -8.32
N LYS A 258 9.96 -20.75 -7.99
CA LYS A 258 10.81 -20.98 -6.79
C LYS A 258 10.17 -20.58 -5.46
N CYS A 259 8.85 -20.43 -5.43
CA CYS A 259 8.20 -20.03 -4.22
C CYS A 259 7.88 -21.23 -3.32
N PRO A 260 8.49 -21.27 -2.13
CA PRO A 260 8.26 -22.37 -1.19
C PRO A 260 6.76 -22.60 -0.90
N CYS A 261 6.38 -23.86 -0.80
CA CYS A 261 5.01 -24.28 -0.52
C CYS A 261 4.42 -23.74 0.78
N GLU A 262 5.22 -23.61 1.82
CA GLU A 262 4.71 -23.05 3.07
C GLU A 262 4.40 -21.56 2.89
N VAL A 263 5.18 -20.89 2.02
CA VAL A 263 5.02 -19.46 1.76
C VAL A 263 3.75 -19.26 0.92
N TYR A 264 3.57 -20.08 -0.12
CA TYR A 264 2.33 -20.07 -0.90
C TYR A 264 1.09 -20.36 -0.05
N HIS A 265 1.21 -21.29 0.89
CA HIS A 265 0.09 -21.64 1.76
C HIS A 265 -0.28 -20.41 2.58
N LEU A 266 0.75 -19.70 3.04
CA LEU A 266 0.60 -18.39 3.67
C LEU A 266 -0.29 -17.48 2.81
N MET A 267 0.14 -17.23 1.56
CA MET A 267 -0.66 -16.45 0.62
C MET A 267 -2.09 -16.97 0.58
N LYS A 268 -2.26 -18.29 0.39
CA LYS A 268 -3.61 -18.88 0.35
C LYS A 268 -4.43 -18.71 1.62
N ASN A 269 -3.76 -18.67 2.78
CA ASN A 269 -4.43 -18.41 4.05
C ASN A 269 -4.96 -16.97 4.11
N CYS A 270 -4.19 -16.02 3.55
CA CYS A 270 -4.63 -14.64 3.38
C CYS A 270 -5.78 -14.51 2.37
N TRP A 271 -5.95 -15.52 1.52
CA TRP A 271 -7.00 -15.50 0.50
C TRP A 271 -8.21 -16.37 0.86
N GLU A 272 -8.38 -16.75 2.12
CA GLU A 272 -9.61 -17.43 2.53
C GLU A 272 -10.77 -16.51 2.23
N THR A 273 -11.85 -17.10 1.73
CA THR A 273 -13.03 -16.36 1.32
C THR A 273 -13.64 -15.64 2.51
N GLU A 274 -13.64 -16.35 3.65
CA GLU A 274 -14.24 -15.86 4.89
C GLU A 274 -13.26 -15.06 5.73
N ALA A 275 -13.45 -13.73 5.70
CA ALA A 275 -12.60 -12.78 6.42
C ALA A 275 -12.13 -13.28 7.80
N SER A 276 -13.03 -13.87 8.56
CA SER A 276 -12.79 -14.31 9.94
C SER A 276 -11.72 -15.39 10.08
N PHE A 277 -11.56 -16.24 9.08
CA PHE A 277 -10.54 -17.31 9.14
C PHE A 277 -9.16 -16.91 8.60
N ARG A 278 -9.05 -15.75 7.97
CA ARG A 278 -7.75 -15.23 7.53
C ARG A 278 -6.85 -14.98 8.76
N PRO A 279 -5.52 -15.11 8.58
CA PRO A 279 -4.61 -14.78 9.70
C PRO A 279 -4.58 -13.27 9.92
N THR A 280 -4.28 -12.84 11.13
CA THR A 280 -4.12 -11.41 11.41
C THR A 280 -2.66 -11.01 11.14
N PHE A 281 -2.42 -9.72 10.92
CA PHE A 281 -1.04 -9.27 10.74
C PHE A 281 -0.20 -9.68 11.97
N GLU A 282 -0.77 -9.49 13.15
CA GLU A 282 -0.12 -9.81 14.41
C GLU A 282 0.25 -11.29 14.54
N ASN A 283 -0.58 -12.18 14.00
CA ASN A 283 -0.26 -13.60 13.79
C ASN A 283 0.83 -13.83 12.72
N LEU A 284 0.80 -13.05 11.64
CA LEU A 284 1.69 -13.28 10.50
C LEU A 284 3.15 -12.96 10.77
N ILE A 285 3.38 -11.99 11.65
CA ILE A 285 4.74 -11.56 12.02
C ILE A 285 5.60 -12.73 12.48
N PRO A 286 5.19 -13.44 13.55
CA PRO A 286 6.01 -14.58 13.99
C PRO A 286 6.11 -15.72 12.98
N ILE A 287 5.02 -15.99 12.25
CA ILE A 287 5.04 -17.06 11.24
C ILE A 287 6.07 -16.72 10.17
N LEU A 288 6.22 -15.43 9.87
CA LEU A 288 7.22 -14.98 8.90
C LEU A 288 8.63 -14.89 9.47
N LYS A 289 8.75 -14.63 10.77
CA LYS A 289 10.04 -14.66 11.43
C LYS A 289 10.58 -16.08 11.33
N THR A 290 9.73 -17.05 11.64
N THR A 290 9.75 -17.07 11.64
CA THR A 290 10.12 -18.46 11.66
CA THR A 290 10.20 -18.47 11.65
C THR A 290 10.53 -18.96 10.27
C THR A 290 10.51 -19.04 10.25
N VAL A 291 9.80 -18.55 9.23
CA VAL A 291 10.09 -19.00 7.86
C VAL A 291 11.42 -18.39 7.38
N HIS A 292 11.61 -17.09 7.60
CA HIS A 292 12.83 -16.40 7.22
C HIS A 292 14.06 -17.06 7.82
N GLU A 293 13.94 -17.59 9.03
CA GLU A 293 15.06 -18.25 9.70
C GLU A 293 15.58 -19.49 8.94
N LYS A 294 14.65 -20.28 8.39
CA LYS A 294 14.99 -21.44 7.57
C LYS A 294 15.80 -21.08 6.32
N TYR A 295 15.57 -19.89 5.77
CA TYR A 295 16.20 -19.50 4.49
C TYR A 295 17.34 -18.48 4.56
N ARG A 296 17.64 -17.94 5.74
CA ARG A 296 18.71 -16.94 5.85
C ARG A 296 20.12 -17.51 5.60
N HIS A 297 21.02 -16.64 5.15
CA HIS A 297 22.44 -16.93 4.84
C HIS A 297 22.71 -18.01 3.79
#